data_5A74
#
_entry.id   5A74
#
_cell.length_a   62.730
_cell.length_b   82.030
_cell.length_c   94.490
_cell.angle_alpha   90.00
_cell.angle_beta   90.00
_cell.angle_gamma   90.00
#
_symmetry.space_group_name_H-M   'P 21 21 21'
#
loop_
_entity.id
_entity.type
_entity.pdbx_description
1 polymer 'DNA ENDONUCLEASE I-CVUI'
2 polymer "14MER DNA, 5'-D(*TP*CP*AP*GP*AP*AP*CP*GP*TP*CP*GP*TP*AP*CP)-3'"
3 polymer "10MER DNA, 5'-D(*GP*AP*CP*GP*TP*TP*CP*TP*GP*AP)-3'"
4 non-polymer 'MANGANESE (II) ION'
5 water water
#
loop_
_entity_poly.entity_id
_entity_poly.type
_entity_poly.pdbx_seq_one_letter_code
_entity_poly.pdbx_strand_id
1 'polypeptide(L)'
;AQPTNFHDQLKFAWLAGFVDADGCINAQIVSREDYLLKYQVRVSLTVFQSTTQHFILLDIQKILGCGTVRKRNDGMSEFC
VVGGTSLQTTLEKLLPYLQLKRAQAKLVLQIIKKLPNTKDPSVLMEAALLADKVGLLTDGKKRTILAENVRECLKKLGHV
VSAALEHHHHHH
;
A,B
2 'polydeoxyribonucleotide' (DT)(DC)(DA)(DG)(DA)(DA)(DC)(DG)(DT)(DC)(DG)(DT)(DA)(DC) C,D
3 'polydeoxyribonucleotide' (DG)(DA)(DC)(DG)(DT)(DT)(DC)(DT)(DG)(DA) E,F
#
# COMPACT_ATOMS: atom_id res chain seq x y z
N ASN A 5 15.56 -10.15 -16.72
CA ASN A 5 14.38 -10.94 -16.36
C ASN A 5 13.09 -10.18 -16.54
N PHE A 6 12.12 -10.80 -17.19
CA PHE A 6 10.77 -10.23 -17.21
C PHE A 6 10.16 -10.57 -15.84
N HIS A 7 10.71 -11.62 -15.22
CA HIS A 7 10.30 -12.06 -13.89
C HIS A 7 10.75 -11.11 -12.78
N ASP A 8 12.01 -10.67 -12.82
CA ASP A 8 12.49 -9.71 -11.84
C ASP A 8 11.77 -8.38 -11.97
N GLN A 9 11.48 -8.00 -13.22
CA GLN A 9 10.75 -6.76 -13.46
C GLN A 9 9.33 -6.83 -12.94
N LEU A 10 8.74 -8.04 -12.97
CA LEU A 10 7.40 -8.24 -12.41
C LEU A 10 7.43 -8.04 -10.91
N LYS A 11 8.49 -8.53 -10.27
CA LYS A 11 8.70 -8.33 -8.84
C LYS A 11 8.79 -6.83 -8.50
N PHE A 12 9.68 -6.10 -9.16
CA PHE A 12 9.89 -4.68 -8.84
C PHE A 12 8.63 -3.85 -9.04
N ALA A 13 7.88 -4.14 -10.11
CA ALA A 13 6.61 -3.45 -10.38
C ALA A 13 5.60 -3.64 -9.24
N TRP A 14 5.50 -4.87 -8.74
CA TRP A 14 4.69 -5.18 -7.57
C TRP A 14 5.22 -4.45 -6.34
N LEU A 15 6.54 -4.46 -6.15
CA LEU A 15 7.14 -3.78 -5.00
C LEU A 15 6.91 -2.26 -5.05
N ALA A 16 7.01 -1.68 -6.24
CA ALA A 16 6.79 -0.25 -6.41
C ALA A 16 5.39 0.11 -5.95
N GLY A 17 4.43 -0.71 -6.37
CA GLY A 17 3.05 -0.57 -5.94
C GLY A 17 2.97 -0.57 -4.43
N PHE A 18 3.57 -1.60 -3.81
CA PHE A 18 3.59 -1.71 -2.36
C PHE A 18 4.22 -0.50 -1.71
N VAL A 19 5.37 -0.09 -2.24
CA VAL A 19 6.04 1.09 -1.71
C VAL A 19 5.16 2.32 -1.92
N ASP A 20 4.66 2.52 -3.14
CA ASP A 20 3.81 3.67 -3.44
C ASP A 20 2.68 3.80 -2.39
N ALA A 21 2.25 2.67 -1.87
CA ALA A 21 1.14 2.62 -0.93
C ALA A 21 1.58 2.54 0.53
N ASP A 22 2.35 1.49 0.89
CA ASP A 22 2.73 1.31 2.29
C ASP A 22 4.22 1.50 2.57
N GLY A 23 4.86 2.36 1.81
CA GLY A 23 6.28 2.58 1.98
C GLY A 23 6.66 4.03 2.22
N CYS A 24 7.96 4.26 2.40
CA CYS A 24 8.47 5.60 2.61
C CYS A 24 9.84 5.74 1.98
N ILE A 25 9.98 6.69 1.05
CA ILE A 25 11.28 7.04 0.52
C ILE A 25 11.61 8.42 1.06
N ASN A 26 12.69 8.53 1.85
CA ASN A 26 12.91 9.76 2.59
C ASN A 26 14.37 10.22 2.69
N ALA A 27 14.55 11.52 2.84
CA ALA A 27 15.84 12.05 3.22
C ALA A 27 15.62 12.85 4.49
N GLN A 28 16.37 12.58 5.51
CA GLN A 28 16.34 13.41 6.68
C GLN A 28 17.65 13.98 7.11
N ILE A 29 17.60 15.03 7.88
CA ILE A 29 18.80 15.56 8.53
C ILE A 29 18.85 15.00 9.94
N VAL A 30 19.88 14.20 10.23
CA VAL A 30 19.98 13.63 11.57
C VAL A 30 21.15 14.24 12.30
N SER A 31 20.91 14.55 13.57
CA SER A 31 21.96 15.07 14.42
C SER A 31 23.02 13.99 14.67
N ARG A 32 24.28 14.32 14.43
CA ARG A 32 25.42 13.45 14.78
C ARG A 32 26.42 14.30 15.56
N GLU A 33 26.49 14.05 16.87
CA GLU A 33 27.29 14.89 17.77
C GLU A 33 28.79 14.79 17.54
N ASP A 34 29.28 13.65 17.07
CA ASP A 34 30.72 13.50 16.82
C ASP A 34 31.13 13.74 15.36
N TYR A 35 30.20 14.19 14.52
CA TYR A 35 30.57 14.70 13.19
C TYR A 35 31.19 16.09 13.37
N LEU A 36 32.19 16.41 12.56
CA LEU A 36 32.78 17.75 12.60
C LEU A 36 31.72 18.75 12.19
N LEU A 37 30.79 18.30 11.34
CA LEU A 37 29.74 19.17 10.83
C LEU A 37 28.40 18.98 11.56
N LYS A 38 28.39 18.06 12.54
CA LYS A 38 27.27 17.88 13.46
C LYS A 38 25.98 17.30 12.86
N TYR A 39 25.95 17.08 11.54
CA TYR A 39 24.75 16.58 10.91
C TYR A 39 25.06 15.61 9.79
N GLN A 40 24.23 14.57 9.68
CA GLN A 40 24.29 13.70 8.51
C GLN A 40 23.01 13.89 7.71
N VAL A 41 23.10 13.78 6.38
CA VAL A 41 21.89 13.61 5.57
C VAL A 41 21.73 12.11 5.30
N ARG A 42 20.76 11.50 5.99
CA ARG A 42 20.47 10.07 5.88
C ARG A 42 19.38 9.82 4.85
N VAL A 43 19.59 8.85 3.96
CA VAL A 43 18.61 8.52 2.92
C VAL A 43 18.13 7.10 3.12
N SER A 44 16.85 6.86 2.81
CA SER A 44 16.26 5.55 3.08
C SER A 44 15.02 5.20 2.26
N LEU A 45 14.83 3.91 2.03
CA LEU A 45 13.53 3.36 1.67
C LEU A 45 13.05 2.48 2.80
N THR A 46 11.81 2.70 3.24
CA THR A 46 11.24 1.88 4.32
C THR A 46 9.89 1.30 3.90
N VAL A 47 9.62 0.05 4.29
CA VAL A 47 8.32 -0.56 4.05
C VAL A 47 7.73 -1.02 5.37
N PHE A 48 6.48 -0.62 5.62
CA PHE A 48 5.83 -0.91 6.89
C PHE A 48 4.73 -1.94 6.69
N GLN A 49 4.60 -2.85 7.64
CA GLN A 49 3.49 -3.79 7.62
C GLN A 49 3.37 -4.36 9.02
N SER A 50 2.13 -4.58 9.45
CA SER A 50 1.85 -5.20 10.75
C SER A 50 2.66 -6.47 10.95
N THR A 51 3.08 -6.73 12.18
CA THR A 51 3.88 -7.91 12.47
C THR A 51 3.10 -9.20 12.15
N THR A 52 1.77 -9.10 12.06
CA THR A 52 0.94 -10.26 11.72
C THR A 52 1.29 -10.81 10.32
N GLN A 53 1.75 -9.93 9.43
CA GLN A 53 2.22 -10.32 8.12
C GLN A 53 3.68 -9.96 7.97
N HIS A 54 4.44 -10.26 9.01
CA HIS A 54 5.89 -9.99 9.05
C HIS A 54 6.65 -10.56 7.85
N PHE A 55 6.26 -11.75 7.42
CA PHE A 55 7.02 -12.47 6.40
C PHE A 55 7.23 -11.68 5.11
N ILE A 56 6.21 -10.88 4.73
CA ILE A 56 6.25 -10.14 3.47
C ILE A 56 7.46 -9.21 3.41
N LEU A 57 7.92 -8.73 4.57
CA LEU A 57 9.06 -7.83 4.61
C LEU A 57 10.34 -8.59 4.31
N LEU A 58 10.37 -9.87 4.71
CA LEU A 58 11.54 -10.71 4.46
C LEU A 58 11.57 -11.06 2.98
N ASP A 59 10.37 -11.29 2.43
CA ASP A 59 10.23 -11.54 0.99
C ASP A 59 10.74 -10.34 0.21
N ILE A 60 10.49 -9.14 0.73
CA ILE A 60 10.96 -7.90 0.07
C ILE A 60 12.48 -7.81 0.13
N GLN A 61 13.05 -8.27 1.24
CA GLN A 61 14.48 -8.25 1.43
C GLN A 61 15.14 -9.20 0.44
N LYS A 62 14.54 -10.37 0.29
CA LYS A 62 15.02 -11.39 -0.65
C LYS A 62 15.01 -10.87 -2.08
N ILE A 63 13.89 -10.26 -2.49
CA ILE A 63 13.79 -9.58 -3.79
C ILE A 63 14.93 -8.57 -4.02
N LEU A 64 15.20 -7.71 -3.03
CA LEU A 64 16.19 -6.65 -3.18
C LEU A 64 17.63 -7.08 -2.92
N GLY A 65 17.82 -8.15 -2.16
CA GLY A 65 19.16 -8.62 -1.87
C GLY A 65 19.94 -7.78 -0.86
N CYS A 66 19.29 -6.77 -0.30
CA CYS A 66 19.86 -5.97 0.79
C CYS A 66 18.75 -5.48 1.72
N GLY A 67 19.13 -4.68 2.72
CA GLY A 67 18.14 -4.12 3.63
C GLY A 67 17.96 -4.94 4.89
N THR A 68 17.42 -4.30 5.92
CA THR A 68 17.17 -4.96 7.20
C THR A 68 15.69 -5.01 7.55
N VAL A 69 15.31 -6.06 8.28
CA VAL A 69 13.96 -6.20 8.81
C VAL A 69 14.03 -6.14 10.34
N ARG A 70 13.17 -5.33 10.96
CA ARG A 70 13.04 -5.30 12.43
C ARG A 70 11.57 -5.37 12.87
N LYS A 71 11.36 -5.72 14.15
CA LYS A 71 10.05 -5.58 14.79
C LYS A 71 10.03 -4.41 15.78
N ARG A 72 9.08 -3.49 15.63
CA ARG A 72 8.89 -2.39 16.57
C ARG A 72 8.11 -2.87 17.75
N ASN A 73 8.17 -2.16 18.84
CA ASN A 73 7.55 -2.60 20.08
C ASN A 73 6.05 -2.31 20.14
N ASP A 74 5.47 -2.00 18.98
CA ASP A 74 4.06 -1.59 18.91
C ASP A 74 3.21 -2.41 17.94
N GLY A 75 3.64 -3.63 17.61
CA GLY A 75 2.87 -4.49 16.73
C GLY A 75 3.16 -4.29 15.25
N MET A 76 4.08 -3.36 14.95
CA MET A 76 4.50 -3.11 13.58
C MET A 76 5.83 -3.76 13.27
N SER A 77 6.05 -4.09 12.00
CA SER A 77 7.35 -4.51 11.53
C SER A 77 7.81 -3.55 10.41
N GLU A 78 9.12 -3.47 10.19
CA GLU A 78 9.69 -2.56 9.20
C GLU A 78 10.80 -3.20 8.39
N PHE A 79 10.80 -2.95 7.09
CA PHE A 79 11.95 -3.23 6.25
C PHE A 79 12.63 -1.92 5.87
N CYS A 80 13.94 -1.84 6.07
CA CYS A 80 14.65 -0.61 5.74
C CYS A 80 15.96 -0.80 4.96
N VAL A 81 16.08 -0.05 3.86
CA VAL A 81 17.35 0.14 3.18
C VAL A 81 17.81 1.56 3.44
N VAL A 82 18.88 1.70 4.22
CA VAL A 82 19.41 3.02 4.56
C VAL A 82 20.86 3.12 4.09
N GLY A 83 21.20 4.23 3.43
CA GLY A 83 22.55 4.48 2.98
C GLY A 83 22.71 4.57 1.47
N GLY A 84 23.59 5.46 1.02
CA GLY A 84 23.77 5.74 -0.40
C GLY A 84 24.04 4.56 -1.32
N THR A 85 24.88 3.61 -0.86
CA THR A 85 25.31 2.50 -1.70
C THR A 85 24.19 1.53 -2.08
N SER A 86 23.58 0.91 -1.07
CA SER A 86 22.51 -0.04 -1.32
C SER A 86 21.26 0.65 -1.86
N LEU A 87 21.00 1.87 -1.39
CA LEU A 87 19.77 2.57 -1.76
C LEU A 87 19.73 2.99 -3.23
N GLN A 88 20.85 3.46 -3.76
CA GLN A 88 20.90 3.91 -5.14
C GLN A 88 20.49 2.78 -6.09
N THR A 89 20.98 1.59 -5.79
CA THR A 89 20.66 0.38 -6.54
C THR A 89 19.17 0.06 -6.43
N THR A 90 18.66 0.10 -5.20
CA THR A 90 17.26 -0.20 -4.92
C THR A 90 16.32 0.74 -5.68
N LEU A 91 16.61 2.03 -5.61
CA LEU A 91 15.76 3.04 -6.23
C LEU A 91 15.80 2.94 -7.76
N GLU A 92 16.97 2.67 -8.32
CA GLU A 92 17.09 2.47 -9.76
C GLU A 92 16.24 1.30 -10.25
N LYS A 93 16.11 0.26 -9.43
CA LYS A 93 15.26 -0.88 -9.77
C LYS A 93 13.78 -0.52 -9.75
N LEU A 94 13.36 0.32 -8.79
CA LEU A 94 11.94 0.63 -8.63
C LEU A 94 11.52 1.83 -9.47
N LEU A 95 12.48 2.69 -9.79
CA LEU A 95 12.22 3.96 -10.47
C LEU A 95 11.27 3.91 -11.67
N PRO A 96 11.36 2.86 -12.52
CA PRO A 96 10.46 2.91 -13.67
C PRO A 96 8.99 2.65 -13.29
N TYR A 97 8.75 1.99 -12.16
CA TYR A 97 7.40 1.59 -11.79
C TYR A 97 6.76 2.43 -10.68
N LEU A 98 7.50 3.28 -10.02
CA LEU A 98 6.94 4.13 -9.01
C LEU A 98 5.99 5.20 -9.57
N GLN A 99 4.77 5.25 -9.05
CA GLN A 99 3.82 6.24 -9.46
C GLN A 99 3.58 7.38 -8.51
N LEU A 100 3.75 7.19 -7.24
CA LEU A 100 3.45 8.23 -6.25
C LEU A 100 4.70 8.82 -5.64
N LYS A 101 5.76 8.02 -5.53
CA LYS A 101 6.94 8.44 -4.81
C LYS A 101 8.16 8.57 -5.72
N ARG A 102 7.93 8.79 -7.01
CA ARG A 102 9.05 8.90 -7.94
C ARG A 102 9.83 10.19 -7.67
N ALA A 103 9.14 11.26 -7.34
CA ALA A 103 9.79 12.52 -7.00
C ALA A 103 10.70 12.34 -5.78
N GLN A 104 10.19 11.69 -4.75
CA GLN A 104 11.01 11.38 -3.57
C GLN A 104 12.27 10.64 -3.99
N ALA A 105 12.13 9.70 -4.92
CA ALA A 105 13.28 8.89 -5.35
C ALA A 105 14.30 9.69 -6.16
N LYS A 106 13.80 10.43 -7.13
CA LYS A 106 14.65 11.29 -7.96
C LYS A 106 15.44 12.26 -7.09
N LEU A 107 14.80 12.78 -6.05
CA LEU A 107 15.44 13.73 -5.14
C LEU A 107 16.53 13.02 -4.32
N VAL A 108 16.17 11.91 -3.69
CA VAL A 108 17.13 11.12 -2.94
C VAL A 108 18.34 10.75 -3.80
N LEU A 109 18.08 10.36 -5.04
CA LEU A 109 19.15 10.01 -5.97
C LEU A 109 20.08 11.21 -6.21
N GLN A 110 19.50 12.42 -6.24
CA GLN A 110 20.28 13.65 -6.31
C GLN A 110 21.15 13.84 -5.06
N ILE A 111 20.62 13.41 -3.91
CA ILE A 111 21.32 13.52 -2.63
C ILE A 111 22.46 12.53 -2.53
N ILE A 112 22.19 11.29 -2.96
CA ILE A 112 23.19 10.24 -2.97
C ILE A 112 24.43 10.64 -3.78
N LYS A 113 24.24 11.43 -4.84
CA LYS A 113 25.39 11.92 -5.62
C LYS A 113 26.32 12.80 -4.79
N LYS A 114 25.74 13.52 -3.84
CA LYS A 114 26.49 14.50 -3.04
C LYS A 114 27.12 13.88 -1.79
N LEU A 115 26.51 12.80 -1.29
CA LEU A 115 26.96 12.11 -0.08
C LEU A 115 28.46 11.82 0.07
N PRO A 116 29.15 11.38 -1.00
CA PRO A 116 30.58 11.13 -0.80
C PRO A 116 31.36 12.43 -0.55
N ASN A 117 30.72 13.57 -0.74
CA ASN A 117 31.40 14.86 -0.54
C ASN A 117 30.82 15.70 0.60
N THR A 118 30.10 15.06 1.52
CA THR A 118 29.47 15.77 2.62
C THR A 118 30.41 16.22 3.75
N LYS A 119 31.72 16.04 3.56
CA LYS A 119 32.68 16.64 4.49
C LYS A 119 32.86 18.11 4.16
N ASP A 120 32.63 18.47 2.91
CA ASP A 120 32.57 19.87 2.54
C ASP A 120 31.24 20.46 3.02
N PRO A 121 31.32 21.49 3.88
CA PRO A 121 30.12 22.17 4.39
C PRO A 121 29.18 22.64 3.27
N SER A 122 29.72 23.08 2.13
CA SER A 122 28.86 23.54 1.05
C SER A 122 28.02 22.43 0.43
N VAL A 123 28.64 21.26 0.27
CA VAL A 123 27.96 20.09 -0.26
C VAL A 123 26.92 19.58 0.76
N LEU A 124 27.30 19.49 2.03
CA LEU A 124 26.36 19.13 3.09
C LEU A 124 25.14 20.04 3.06
N MET A 125 25.39 21.33 2.93
CA MET A 125 24.34 22.33 2.88
C MET A 125 23.39 22.09 1.71
N GLU A 126 23.95 21.70 0.56
CA GLU A 126 23.13 21.35 -0.61
C GLU A 126 22.32 20.08 -0.38
N ALA A 127 22.94 19.08 0.25
CA ALA A 127 22.23 17.84 0.57
C ALA A 127 21.09 18.14 1.54
N ALA A 128 21.39 18.98 2.54
CA ALA A 128 20.40 19.34 3.54
C ALA A 128 19.23 20.09 2.92
N LEU A 129 19.53 21.03 2.02
CA LEU A 129 18.47 21.76 1.33
C LEU A 129 17.59 20.83 0.49
N LEU A 130 18.20 19.76 -0.02
CA LEU A 130 17.49 18.78 -0.83
C LEU A 130 16.62 17.88 0.05
N ALA A 131 17.13 17.53 1.23
CA ALA A 131 16.35 16.80 2.21
C ALA A 131 15.05 17.55 2.55
N ASP A 132 15.16 18.86 2.79
CA ASP A 132 13.98 19.69 3.12
C ASP A 132 12.88 19.54 2.06
N LYS A 133 13.30 19.49 0.80
CA LYS A 133 12.37 19.35 -0.32
C LYS A 133 11.67 17.99 -0.36
N VAL A 134 12.34 16.98 0.17
CA VAL A 134 11.73 15.65 0.24
C VAL A 134 10.65 15.68 1.33
N GLY A 135 10.97 16.37 2.42
CA GLY A 135 10.03 16.50 3.53
C GLY A 135 8.71 17.11 3.09
N LEU A 136 8.79 18.07 2.16
CA LEU A 136 7.58 18.68 1.64
C LEU A 136 6.67 17.71 0.88
N LEU A 137 7.21 16.57 0.44
CA LEU A 137 6.42 15.58 -0.31
C LEU A 137 5.80 14.49 0.57
N THR A 138 6.33 14.31 1.77
CA THR A 138 5.82 13.26 2.67
C THR A 138 4.61 13.71 3.49
N ASP A 139 4.00 12.74 4.18
CA ASP A 139 2.88 12.97 5.09
C ASP A 139 3.31 13.51 6.47
N GLY A 140 4.61 13.50 6.74
CA GLY A 140 5.13 13.78 8.07
C GLY A 140 4.73 15.09 8.75
N LYS A 141 4.60 15.03 10.08
CA LYS A 141 4.20 16.19 10.87
C LYS A 141 5.27 16.61 11.88
N LYS A 142 6.18 15.69 12.22
CA LYS A 142 7.16 15.89 13.29
C LYS A 142 8.54 16.38 12.83
N ARG A 143 8.68 16.70 11.55
CA ARG A 143 9.96 17.16 10.99
C ARG A 143 10.43 18.46 11.65
N THR A 144 11.35 18.33 12.62
CA THR A 144 11.90 19.46 13.37
C THR A 144 13.29 19.87 12.91
N ILE A 145 14.11 18.89 12.50
CA ILE A 145 15.48 19.19 12.07
C ILE A 145 15.55 19.59 10.59
N LEU A 146 15.86 20.87 10.34
CA LEU A 146 15.76 21.44 9.01
C LEU A 146 17.09 21.96 8.47
N ALA A 147 17.08 22.44 7.22
CA ALA A 147 18.28 22.99 6.58
C ALA A 147 18.82 24.23 7.31
N GLU A 148 17.92 25.07 7.81
CA GLU A 148 18.30 26.25 8.58
C GLU A 148 19.13 25.92 9.83
N ASN A 149 18.82 24.79 10.46
CA ASN A 149 19.58 24.36 11.64
C ASN A 149 21.01 23.98 11.29
N VAL A 150 21.16 23.41 10.10
CA VAL A 150 22.49 23.08 9.59
C VAL A 150 23.26 24.36 9.31
N ARG A 151 22.61 25.28 8.59
CA ARG A 151 23.24 26.54 8.18
C ARG A 151 23.67 27.40 9.38
N GLU A 152 22.86 27.44 10.43
CA GLU A 152 23.24 28.15 11.66
C GLU A 152 24.35 27.45 12.44
N CYS A 153 24.37 26.13 12.44
CA CYS A 153 25.44 25.41 13.10
C CYS A 153 26.76 25.61 12.35
N LEU A 154 26.71 25.43 11.03
CA LEU A 154 27.89 25.53 10.19
C LEU A 154 28.54 26.88 10.36
N LYS A 155 27.71 27.92 10.43
CA LYS A 155 28.19 29.28 10.61
C LYS A 155 28.85 29.43 11.98
N LYS A 156 28.19 28.91 13.00
CA LYS A 156 28.74 28.91 14.36
C LYS A 156 30.07 28.17 14.42
N LEU A 157 30.20 27.10 13.63
CA LEU A 157 31.45 26.34 13.57
C LEU A 157 32.56 27.10 12.83
N GLY A 158 32.23 28.25 12.25
CA GLY A 158 33.21 29.06 11.56
C GLY A 158 33.36 28.73 10.09
N HIS A 159 32.38 28.02 9.55
CA HIS A 159 32.44 27.67 8.15
C HIS A 159 31.73 28.72 7.29
N VAL A 160 31.95 28.67 5.97
CA VAL A 160 31.39 29.67 5.08
C VAL A 160 30.57 28.99 3.99
N VAL A 161 29.25 29.20 4.02
CA VAL A 161 28.38 28.66 2.99
C VAL A 161 27.48 29.74 2.41
N ASN B 5 0.62 -6.32 -23.62
CA ASN B 5 0.59 -7.64 -23.01
C ASN B 5 1.45 -7.69 -21.77
N PHE B 6 2.76 -7.72 -21.97
CA PHE B 6 3.72 -7.71 -20.86
C PHE B 6 3.66 -6.37 -20.12
N HIS B 7 3.47 -5.30 -20.88
CA HIS B 7 3.23 -3.99 -20.29
C HIS B 7 2.01 -4.05 -19.37
N ASP B 8 0.92 -4.63 -19.88
CA ASP B 8 -0.29 -4.85 -19.06
C ASP B 8 0.01 -5.66 -17.81
N GLN B 9 0.87 -6.66 -17.94
CA GLN B 9 1.21 -7.49 -16.80
C GLN B 9 2.00 -6.69 -15.78
N LEU B 10 2.74 -5.69 -16.23
CA LEU B 10 3.51 -4.85 -15.30
C LEU B 10 2.55 -3.92 -14.56
N LYS B 11 1.56 -3.40 -15.30
CA LYS B 11 0.50 -2.58 -14.71
C LYS B 11 -0.25 -3.37 -13.62
N PHE B 12 -0.59 -4.62 -13.93
CA PHE B 12 -1.34 -5.45 -12.98
C PHE B 12 -0.49 -5.81 -11.75
N ALA B 13 0.78 -6.13 -11.97
CA ALA B 13 1.68 -6.45 -10.85
C ALA B 13 1.79 -5.25 -9.91
N TRP B 14 1.95 -4.06 -10.48
CA TRP B 14 1.99 -2.83 -9.70
C TRP B 14 0.69 -2.63 -8.93
N LEU B 15 -0.43 -2.78 -9.63
CA LEU B 15 -1.74 -2.57 -9.00
C LEU B 15 -1.93 -3.55 -7.85
N ALA B 16 -1.50 -4.79 -8.05
CA ALA B 16 -1.56 -5.78 -6.99
C ALA B 16 -0.79 -5.32 -5.74
N GLY B 17 0.43 -4.80 -5.96
CA GLY B 17 1.20 -4.26 -4.86
C GLY B 17 0.39 -3.20 -4.14
N PHE B 18 -0.08 -2.22 -4.90
CA PHE B 18 -0.91 -1.16 -4.34
C PHE B 18 -2.15 -1.70 -3.62
N VAL B 19 -2.75 -2.74 -4.18
CA VAL B 19 -3.89 -3.37 -3.52
C VAL B 19 -3.44 -4.12 -2.27
N ASP B 20 -2.35 -4.88 -2.37
CA ASP B 20 -1.84 -5.59 -1.19
C ASP B 20 -1.59 -4.60 -0.07
N ALA B 21 -1.20 -3.37 -0.41
CA ALA B 21 -0.87 -2.40 0.63
C ALA B 21 -2.05 -1.54 1.09
N ASP B 22 -2.67 -0.80 0.17
CA ASP B 22 -3.72 0.15 0.51
C ASP B 22 -5.04 -0.20 -0.14
N GLY B 23 -5.32 -1.50 -0.23
CA GLY B 23 -6.54 -1.93 -0.87
C GLY B 23 -7.41 -2.78 0.03
N CYS B 24 -8.55 -3.20 -0.51
CA CYS B 24 -9.45 -4.04 0.25
C CYS B 24 -10.19 -4.96 -0.71
N ILE B 25 -9.99 -6.26 -0.54
CA ILE B 25 -10.80 -7.26 -1.22
C ILE B 25 -11.72 -7.89 -0.19
N ASN B 26 -13.03 -7.74 -0.36
CA ASN B 26 -13.97 -8.05 0.72
C ASN B 26 -15.27 -8.71 0.26
N ALA B 27 -15.91 -9.39 1.20
CA ALA B 27 -17.27 -9.87 1.03
C ALA B 27 -18.03 -9.47 2.29
N GLN B 28 -19.19 -8.90 2.13
CA GLN B 28 -20.02 -8.42 3.20
C GLN B 28 -21.38 -8.98 3.14
N ILE B 29 -22.10 -8.93 4.24
CA ILE B 29 -23.51 -9.22 4.24
C ILE B 29 -24.27 -7.90 4.46
N VAL B 30 -24.99 -7.45 3.44
CA VAL B 30 -25.72 -6.18 3.53
C VAL B 30 -27.24 -6.41 3.62
N SER B 31 -27.89 -5.67 4.50
CA SER B 31 -29.32 -5.89 4.66
C SER B 31 -30.07 -5.20 3.52
N ARG B 32 -30.95 -5.95 2.87
CA ARG B 32 -31.81 -5.41 1.82
C ARG B 32 -33.27 -5.65 2.18
N GLU B 33 -33.94 -4.60 2.70
CA GLU B 33 -35.30 -4.70 3.20
C GLU B 33 -36.28 -5.21 2.16
N ASP B 34 -36.04 -4.88 0.90
CA ASP B 34 -36.94 -5.28 -0.18
C ASP B 34 -36.54 -6.59 -0.87
N TYR B 35 -35.46 -7.23 -0.40
CA TYR B 35 -35.15 -8.58 -0.90
C TYR B 35 -36.14 -9.57 -0.30
N LEU B 36 -36.42 -10.63 -1.03
CA LEU B 36 -37.23 -11.73 -0.51
C LEU B 36 -36.52 -12.40 0.67
N LEU B 37 -35.20 -12.51 0.56
CA LEU B 37 -34.39 -13.15 1.58
C LEU B 37 -33.66 -12.12 2.45
N LYS B 38 -34.07 -10.86 2.33
CA LYS B 38 -33.64 -9.80 3.25
C LYS B 38 -32.15 -9.41 3.18
N TYR B 39 -31.33 -10.25 2.55
CA TYR B 39 -29.89 -9.99 2.51
C TYR B 39 -29.26 -10.18 1.15
N GLN B 40 -28.17 -9.47 0.93
CA GLN B 40 -27.33 -9.63 -0.26
C GLN B 40 -25.90 -9.93 0.20
N VAL B 41 -25.15 -10.67 -0.62
CA VAL B 41 -23.71 -10.80 -0.38
C VAL B 41 -22.98 -9.96 -1.41
N ARG B 42 -22.43 -8.85 -0.95
CA ARG B 42 -21.77 -7.90 -1.83
C ARG B 42 -20.27 -8.18 -1.84
N VAL B 43 -19.70 -8.30 -3.04
CA VAL B 43 -18.27 -8.54 -3.21
C VAL B 43 -17.63 -7.32 -3.86
N SER B 44 -16.40 -7.01 -3.44
CA SER B 44 -15.77 -5.78 -3.90
C SER B 44 -14.25 -5.74 -3.76
N LEU B 45 -13.61 -4.96 -4.64
CA LEU B 45 -12.23 -4.55 -4.43
C LEU B 45 -12.24 -3.03 -4.26
N THR B 46 -11.49 -2.53 -3.28
CA THR B 46 -11.45 -1.08 -3.05
C THR B 46 -10.03 -0.59 -2.84
N VAL B 47 -9.70 0.56 -3.42
CA VAL B 47 -8.39 1.17 -3.19
C VAL B 47 -8.56 2.55 -2.57
N PHE B 48 -7.83 2.79 -1.49
CA PHE B 48 -7.95 4.02 -0.71
C PHE B 48 -6.74 4.90 -0.89
N GLN B 49 -6.99 6.20 -1.00
CA GLN B 49 -5.89 7.16 -1.06
C GLN B 49 -6.44 8.53 -0.74
N SER B 50 -5.62 9.31 -0.04
CA SER B 50 -5.95 10.69 0.30
C SER B 50 -6.32 11.44 -0.97
N THR B 51 -7.30 12.33 -0.85
CA THR B 51 -7.77 13.11 -1.99
C THR B 51 -6.62 13.88 -2.64
N THR B 52 -5.54 14.12 -1.88
CA THR B 52 -4.36 14.81 -2.40
C THR B 52 -3.75 14.08 -3.59
N GLN B 53 -3.95 12.76 -3.65
CA GLN B 53 -3.48 11.96 -4.78
C GLN B 53 -4.66 11.27 -5.44
N HIS B 54 -5.79 11.99 -5.51
CA HIS B 54 -7.00 11.51 -6.13
C HIS B 54 -6.76 10.96 -7.54
N PHE B 55 -5.77 11.54 -8.23
CA PHE B 55 -5.48 11.15 -9.61
C PHE B 55 -5.17 9.66 -9.79
N ILE B 56 -4.43 9.08 -8.85
CA ILE B 56 -3.99 7.69 -8.97
C ILE B 56 -5.18 6.72 -9.06
N LEU B 57 -6.30 7.05 -8.41
CA LEU B 57 -7.46 6.18 -8.40
C LEU B 57 -8.14 6.23 -9.77
N LEU B 58 -8.00 7.36 -10.45
CA LEU B 58 -8.54 7.50 -11.79
C LEU B 58 -7.66 6.69 -12.73
N ASP B 59 -6.35 6.69 -12.46
CA ASP B 59 -5.39 5.87 -13.22
C ASP B 59 -5.73 4.39 -13.11
N ILE B 60 -6.11 3.95 -11.93
CA ILE B 60 -6.47 2.54 -11.73
C ILE B 60 -7.72 2.18 -12.52
N GLN B 61 -8.73 3.04 -12.44
CA GLN B 61 -9.95 2.89 -13.22
C GLN B 61 -9.67 2.73 -14.73
N LYS B 62 -8.66 3.47 -15.21
CA LYS B 62 -8.25 3.40 -16.61
C LYS B 62 -7.56 2.06 -16.89
N ILE B 63 -6.69 1.64 -15.98
CA ILE B 63 -6.01 0.35 -16.08
C ILE B 63 -6.97 -0.85 -16.13
N LEU B 64 -7.99 -0.86 -15.28
CA LEU B 64 -8.91 -2.00 -15.19
C LEU B 64 -10.11 -1.92 -16.15
N GLY B 65 -10.48 -0.71 -16.55
CA GLY B 65 -11.55 -0.55 -17.52
C GLY B 65 -12.93 -0.55 -16.89
N CYS B 66 -12.98 -0.57 -15.56
CA CYS B 66 -14.26 -0.53 -14.84
C CYS B 66 -14.08 0.07 -13.46
N GLY B 67 -15.15 0.14 -12.69
CA GLY B 67 -15.08 0.62 -11.33
C GLY B 67 -15.36 2.11 -11.21
N THR B 68 -15.68 2.56 -10.00
CA THR B 68 -15.98 3.96 -9.74
C THR B 68 -14.97 4.65 -8.81
N VAL B 69 -14.84 5.97 -8.97
CA VAL B 69 -14.05 6.81 -8.09
C VAL B 69 -14.97 7.80 -7.38
N ARG B 70 -14.84 7.93 -6.06
CA ARG B 70 -15.59 8.94 -5.30
C ARG B 70 -14.70 9.66 -4.30
N LYS B 71 -15.14 10.84 -3.85
CA LYS B 71 -14.48 11.55 -2.77
C LYS B 71 -15.28 11.43 -1.48
N ARG B 72 -14.67 11.02 -0.39
CA ARG B 72 -15.41 11.05 0.81
C ARG B 72 -15.26 12.34 1.57
N ASN B 73 -16.11 12.56 2.53
CA ASN B 73 -16.23 13.86 3.21
C ASN B 73 -15.17 14.07 4.30
N ASP B 74 -14.11 13.26 4.28
CA ASP B 74 -13.04 13.33 5.27
C ASP B 74 -11.64 13.47 4.65
N GLY B 75 -11.56 13.91 3.40
CA GLY B 75 -10.28 14.10 2.74
C GLY B 75 -9.74 12.86 2.04
N MET B 76 -10.48 11.76 2.15
CA MET B 76 -10.09 10.51 1.50
C MET B 76 -10.80 10.33 0.15
N SER B 77 -10.17 9.59 -0.75
CA SER B 77 -10.86 9.18 -1.97
C SER B 77 -10.83 7.65 -2.07
N GLU B 78 -11.74 7.09 -2.87
CA GLU B 78 -11.83 5.64 -3.04
C GLU B 78 -12.10 5.26 -4.49
N PHE B 79 -11.44 4.19 -4.94
CA PHE B 79 -11.78 3.51 -6.19
C PHE B 79 -12.44 2.19 -5.83
N CYS B 80 -13.61 1.94 -6.37
CA CYS B 80 -14.35 0.73 -6.03
C CYS B 80 -14.87 -0.04 -7.25
N VAL B 81 -14.66 -1.35 -7.23
CA VAL B 81 -15.32 -2.27 -8.16
C VAL B 81 -16.20 -3.20 -7.32
N VAL B 82 -17.52 -3.05 -7.46
CA VAL B 82 -18.49 -3.85 -6.73
C VAL B 82 -19.27 -4.72 -7.71
N GLY B 83 -19.45 -6.01 -7.38
CA GLY B 83 -20.36 -6.83 -8.16
C GLY B 83 -19.70 -7.91 -9.00
N GLY B 84 -20.36 -9.06 -9.08
CA GLY B 84 -19.78 -10.27 -9.67
C GLY B 84 -19.14 -10.16 -11.04
N THR B 85 -19.81 -9.51 -11.98
CA THR B 85 -19.35 -9.47 -13.37
C THR B 85 -18.04 -8.70 -13.55
N SER B 86 -18.02 -7.47 -13.05
CA SER B 86 -16.83 -6.64 -13.17
C SER B 86 -15.69 -7.17 -12.29
N LEU B 87 -16.04 -7.60 -11.08
CA LEU B 87 -15.03 -7.98 -10.10
C LEU B 87 -14.24 -9.23 -10.48
N GLN B 88 -14.93 -10.24 -11.03
CA GLN B 88 -14.27 -11.50 -11.36
C GLN B 88 -13.14 -11.31 -12.38
N THR B 89 -13.43 -10.51 -13.41
CA THR B 89 -12.46 -10.16 -14.43
C THR B 89 -11.29 -9.42 -13.78
N THR B 90 -11.62 -8.56 -12.82
CA THR B 90 -10.63 -7.75 -12.14
C THR B 90 -9.69 -8.59 -11.29
N LEU B 91 -10.27 -9.48 -10.48
CA LEU B 91 -9.49 -10.30 -9.56
C LEU B 91 -8.57 -11.26 -10.31
N GLU B 92 -9.06 -11.81 -11.41
CA GLU B 92 -8.28 -12.74 -12.21
C GLU B 92 -7.04 -12.11 -12.81
N LYS B 93 -7.09 -10.81 -13.08
CA LYS B 93 -5.93 -10.08 -13.58
C LYS B 93 -4.88 -9.89 -12.48
N LEU B 94 -5.35 -9.68 -11.25
CA LEU B 94 -4.44 -9.40 -10.13
C LEU B 94 -3.98 -10.65 -9.42
N LEU B 95 -4.77 -11.71 -9.54
CA LEU B 95 -4.57 -12.95 -8.78
C LEU B 95 -3.16 -13.55 -8.83
N PRO B 96 -2.49 -13.53 -10.01
CA PRO B 96 -1.15 -14.12 -9.96
C PRO B 96 -0.16 -13.26 -9.17
N TYR B 97 -0.44 -11.96 -9.07
CA TYR B 97 0.52 -11.04 -8.45
C TYR B 97 0.21 -10.67 -6.98
N LEU B 98 -1.02 -10.88 -6.54
CA LEU B 98 -1.37 -10.65 -5.13
C LEU B 98 -0.55 -11.54 -4.19
N GLN B 99 0.03 -10.97 -3.16
CA GLN B 99 0.87 -11.67 -2.19
C GLN B 99 0.35 -11.63 -0.76
N LEU B 100 -0.62 -10.82 -0.49
CA LEU B 100 -1.18 -10.71 0.86
C LEU B 100 -2.69 -10.91 0.89
N LYS B 101 -3.35 -10.64 -0.23
CA LYS B 101 -4.82 -10.70 -0.27
C LYS B 101 -5.30 -11.68 -1.31
N ARG B 102 -4.49 -12.69 -1.58
CA ARG B 102 -4.90 -13.68 -2.58
C ARG B 102 -6.00 -14.56 -2.00
N ALA B 103 -5.89 -14.90 -0.72
CA ALA B 103 -6.92 -15.67 -0.05
C ALA B 103 -8.27 -14.96 -0.12
N GLN B 104 -8.28 -13.65 0.14
CA GLN B 104 -9.52 -12.88 0.02
C GLN B 104 -10.08 -12.96 -1.38
N ALA B 105 -9.18 -12.88 -2.37
CA ALA B 105 -9.60 -12.92 -3.76
C ALA B 105 -10.14 -14.29 -4.13
N LYS B 106 -9.46 -15.35 -3.69
CA LYS B 106 -9.88 -16.70 -4.02
C LYS B 106 -11.23 -17.01 -3.40
N LEU B 107 -11.45 -16.51 -2.18
CA LEU B 107 -12.72 -16.69 -1.52
C LEU B 107 -13.84 -15.95 -2.25
N VAL B 108 -13.59 -14.68 -2.57
CA VAL B 108 -14.57 -13.89 -3.34
C VAL B 108 -14.89 -14.55 -4.68
N LEU B 109 -13.88 -15.10 -5.33
CA LEU B 109 -14.11 -15.86 -6.56
C LEU B 109 -15.01 -17.07 -6.33
N GLN B 110 -14.94 -17.69 -5.14
CA GLN B 110 -15.86 -18.77 -4.79
C GLN B 110 -17.29 -18.24 -4.62
N ILE B 111 -17.40 -17.03 -4.08
CA ILE B 111 -18.68 -16.40 -3.83
C ILE B 111 -19.33 -15.96 -5.13
N ILE B 112 -18.51 -15.40 -6.03
CA ILE B 112 -19.00 -14.95 -7.33
C ILE B 112 -19.65 -16.11 -8.09
N LYS B 113 -19.15 -17.32 -7.89
CA LYS B 113 -19.80 -18.50 -8.50
C LYS B 113 -21.26 -18.68 -8.07
N LYS B 114 -21.55 -18.38 -6.80
CA LYS B 114 -22.84 -18.66 -6.22
C LYS B 114 -23.89 -17.57 -6.48
N LEU B 115 -23.43 -16.33 -6.57
CA LEU B 115 -24.29 -15.16 -6.76
C LEU B 115 -25.46 -15.26 -7.77
N PRO B 116 -25.24 -15.87 -8.96
CA PRO B 116 -26.38 -15.99 -9.87
C PRO B 116 -27.48 -16.94 -9.34
N ASN B 117 -27.20 -17.62 -8.23
CA ASN B 117 -28.17 -18.54 -7.62
C ASN B 117 -28.58 -18.17 -6.18
N THR B 118 -28.27 -16.96 -5.76
CA THR B 118 -28.57 -16.53 -4.39
C THR B 118 -30.05 -16.26 -4.13
N LYS B 119 -30.91 -16.56 -5.11
CA LYS B 119 -32.34 -16.54 -4.86
C LYS B 119 -32.72 -17.78 -4.06
N ASP B 120 -31.97 -18.85 -4.28
CA ASP B 120 -32.07 -20.05 -3.46
C ASP B 120 -31.48 -19.74 -2.08
N PRO B 121 -32.29 -19.94 -1.01
CA PRO B 121 -31.87 -19.67 0.36
C PRO B 121 -30.63 -20.45 0.80
N SER B 122 -30.49 -21.69 0.35
CA SER B 122 -29.34 -22.48 0.77
C SER B 122 -28.05 -21.98 0.09
N VAL B 123 -28.18 -21.50 -1.15
CA VAL B 123 -27.04 -20.93 -1.86
C VAL B 123 -26.62 -19.58 -1.26
N LEU B 124 -27.61 -18.79 -0.88
CA LEU B 124 -27.34 -17.52 -0.19
C LEU B 124 -26.60 -17.78 1.12
N MET B 125 -26.96 -18.86 1.79
CA MET B 125 -26.37 -19.22 3.06
C MET B 125 -24.92 -19.65 2.88
N GLU B 126 -24.64 -20.33 1.77
CA GLU B 126 -23.26 -20.72 1.46
C GLU B 126 -22.40 -19.50 1.20
N ALA B 127 -22.94 -18.56 0.42
CA ALA B 127 -22.21 -17.33 0.11
C ALA B 127 -22.01 -16.53 1.38
N ALA B 128 -23.02 -16.53 2.25
CA ALA B 128 -22.95 -15.80 3.52
C ALA B 128 -21.91 -16.40 4.46
N LEU B 129 -21.83 -17.73 4.49
CA LEU B 129 -20.82 -18.40 5.29
C LEU B 129 -19.43 -18.12 4.76
N LEU B 130 -19.32 -17.99 3.43
CA LEU B 130 -18.03 -17.71 2.79
C LEU B 130 -17.62 -16.29 3.06
N ALA B 131 -18.58 -15.38 3.03
CA ALA B 131 -18.32 -13.98 3.33
C ALA B 131 -17.78 -13.84 4.75
N ASP B 132 -18.32 -14.64 5.67
CA ASP B 132 -17.86 -14.61 7.06
C ASP B 132 -16.37 -14.90 7.12
N LYS B 133 -15.93 -15.86 6.32
CA LYS B 133 -14.53 -16.26 6.30
C LYS B 133 -13.59 -15.19 5.71
N VAL B 134 -14.12 -14.32 4.87
CA VAL B 134 -13.32 -13.24 4.29
C VAL B 134 -13.15 -12.18 5.35
N GLY B 135 -14.19 -12.00 6.17
CA GLY B 135 -14.17 -11.02 7.23
C GLY B 135 -13.13 -11.35 8.28
N LEU B 136 -12.83 -12.65 8.42
CA LEU B 136 -11.78 -13.11 9.34
C LEU B 136 -10.36 -12.78 8.85
N LEU B 137 -10.24 -12.50 7.55
CA LEU B 137 -8.93 -12.19 6.97
C LEU B 137 -8.63 -10.68 6.97
N THR B 138 -9.66 -9.88 7.21
CA THR B 138 -9.51 -8.43 7.19
C THR B 138 -9.13 -7.86 8.56
N ASP B 139 -8.94 -6.54 8.61
CA ASP B 139 -8.55 -5.85 9.84
C ASP B 139 -9.76 -5.23 10.56
N GLY B 140 -10.94 -5.36 9.97
CA GLY B 140 -12.13 -4.76 10.54
C GLY B 140 -12.47 -5.24 11.95
N LYS B 141 -12.96 -4.32 12.78
CA LYS B 141 -13.48 -4.68 14.09
C LYS B 141 -14.99 -4.46 14.12
N LYS B 142 -15.49 -3.77 13.10
CA LYS B 142 -16.84 -3.20 13.10
C LYS B 142 -17.94 -4.11 12.52
N ARG B 143 -17.57 -5.23 11.91
CA ARG B 143 -18.55 -6.06 11.22
C ARG B 143 -19.52 -6.78 12.17
N THR B 144 -20.80 -6.44 12.03
CA THR B 144 -21.85 -6.93 12.92
C THR B 144 -22.89 -7.79 12.21
N ILE B 145 -22.91 -7.73 10.88
CA ILE B 145 -23.83 -8.56 10.11
C ILE B 145 -23.14 -9.86 9.66
N LEU B 146 -23.45 -10.97 10.33
CA LEU B 146 -22.78 -12.25 10.11
C LEU B 146 -23.69 -13.33 9.52
N ALA B 147 -23.10 -14.50 9.21
CA ALA B 147 -23.83 -15.64 8.65
C ALA B 147 -25.00 -16.07 9.53
N GLU B 148 -24.78 -16.03 10.85
CA GLU B 148 -25.78 -16.46 11.81
C GLU B 148 -27.06 -15.62 11.72
N ASN B 149 -26.91 -14.35 11.34
CA ASN B 149 -28.05 -13.45 11.22
C ASN B 149 -28.91 -13.79 9.99
N VAL B 150 -28.24 -14.21 8.93
CA VAL B 150 -28.94 -14.69 7.74
C VAL B 150 -29.69 -15.98 8.05
N ARG B 151 -29.00 -16.91 8.74
CA ARG B 151 -29.60 -18.19 9.09
C ARG B 151 -30.88 -18.00 9.91
N GLU B 152 -30.83 -17.14 10.93
CA GLU B 152 -32.00 -16.91 11.76
C GLU B 152 -33.13 -16.23 10.99
N CYS B 153 -32.79 -15.30 10.12
CA CYS B 153 -33.80 -14.63 9.30
C CYS B 153 -34.50 -15.63 8.35
N LEU B 154 -33.70 -16.41 7.62
CA LEU B 154 -34.22 -17.38 6.68
C LEU B 154 -35.17 -18.37 7.36
N LYS B 155 -34.84 -18.76 8.59
CA LYS B 155 -35.69 -19.66 9.35
C LYS B 155 -37.01 -18.98 9.67
N LYS B 156 -36.91 -17.74 10.15
CA LYS B 156 -38.06 -16.88 10.42
C LYS B 156 -38.96 -16.73 9.18
N LEU B 157 -38.35 -16.68 8.00
CA LEU B 157 -39.09 -16.50 6.74
C LEU B 157 -39.77 -17.79 6.24
N GLY B 158 -39.51 -18.92 6.90
CA GLY B 158 -40.16 -20.17 6.54
C GLY B 158 -39.29 -21.11 5.73
N HIS B 159 -38.05 -20.70 5.50
CA HIS B 159 -37.12 -21.50 4.68
C HIS B 159 -36.40 -22.58 5.49
N VAL B 160 -35.82 -23.55 4.76
CA VAL B 160 -35.10 -24.69 5.34
C VAL B 160 -33.69 -24.66 4.78
N VAL B 161 -32.67 -24.79 5.64
CA VAL B 161 -31.30 -24.60 5.19
C VAL B 161 -30.25 -25.64 5.62
N SER B 162 -29.90 -25.64 6.91
CA SER B 162 -28.71 -26.36 7.40
C SER B 162 -28.68 -27.85 7.05
#